data_6M7K
#
_entry.id   6M7K
#
_cell.length_a   50.597
_cell.length_b   57.070
_cell.length_c   110.760
_cell.angle_alpha   90.00
_cell.angle_beta   90.00
_cell.angle_gamma   90.00
#
_symmetry.space_group_name_H-M   'P 21 21 21'
#
loop_
_entity.id
_entity.type
_entity.pdbx_description
1 polymer 'Aldo-keto reductase family 1 member C13'
2 polymer 'cyclic AMP-AMP-GMP'
3 non-polymer 1,2-ETHANEDIOL
4 water water
#
loop_
_entity_poly.entity_id
_entity_poly.type
_entity_poly.pdbx_seq_one_letter_code
_entity_poly.pdbx_strand_id
1 'polypeptide(L)'
;SKQHCVKLNDGHLIPALGFGTYKPKEVPKSKSLEAACLALDVGYRHVDTAYAYQVEEEIGQAIQSAIAAGVVKREDLFIT
TKLWCTCFRPELVKPALEKSLKKLQLDYVDLYIMHYPVPMKSGDNDFPVNEQGKSLLDTVDFCDTWERLEECKDAGLVKS
IGVSNFNHRQLERILNKPGLNYKPVCNQVECHLYLNQRKLLDYCESKDIVLVAYGALGTQRYKEWVDQNSPVLLNDPVLC
DVAKKNKRSPALIALRYLIQRGIVPLAQSFKENEMRENLQVFGFQLSPEDMKTLDGLNKNFRYLPAEFLVDHPEYPFVEE
Y
;
A
2 'polyribonucleotide' AAG B
#
loop_
_chem_comp.id
_chem_comp.type
_chem_comp.name
_chem_comp.formula
A RNA linking ADENOSINE-5'-MONOPHOSPHATE 'C10 H14 N5 O7 P'
EDO non-polymer 1,2-ETHANEDIOL 'C2 H6 O2'
G RNA linking GUANOSINE-5'-MONOPHOSPHATE 'C10 H14 N5 O8 P'
#
# COMPACT_ATOMS: atom_id res chain seq x y z
N HIS A 4 3.18 6.79 16.86
CA HIS A 4 3.94 7.47 15.81
C HIS A 4 3.09 7.60 14.59
N CYS A 5 2.90 8.83 14.15
CA CYS A 5 2.06 9.11 13.00
C CYS A 5 2.75 10.09 12.07
N VAL A 6 2.19 10.19 10.88
CA VAL A 6 2.62 11.13 9.85
C VAL A 6 1.44 12.02 9.50
N LYS A 7 1.69 13.33 9.40
CA LYS A 7 0.64 14.28 9.05
C LYS A 7 0.36 14.25 7.56
N LEU A 8 -0.91 14.04 7.20
CA LEU A 8 -1.36 14.16 5.81
C LEU A 8 -1.74 15.59 5.48
N ASN A 9 -1.74 15.89 4.18
CA ASN A 9 -1.90 17.26 3.76
C ASN A 9 -3.31 17.80 3.91
N ASP A 10 -4.27 16.97 4.32
CA ASP A 10 -5.62 17.39 4.64
C ASP A 10 -5.86 17.49 6.14
N GLY A 11 -4.82 17.39 6.95
CA GLY A 11 -4.92 17.49 8.38
C GLY A 11 -5.08 16.18 9.11
N HIS A 12 -5.41 15.10 8.41
CA HIS A 12 -5.54 13.81 9.07
C HIS A 12 -4.16 13.25 9.38
N LEU A 13 -4.14 12.24 10.25
CA LEU A 13 -2.91 11.60 10.70
C LEU A 13 -2.96 10.12 10.34
N ILE A 14 -1.87 9.60 9.80
CA ILE A 14 -1.75 8.19 9.44
C ILE A 14 -0.70 7.54 10.33
N PRO A 15 -0.98 6.40 10.95
CA PRO A 15 0.07 5.73 11.74
C PRO A 15 1.24 5.36 10.84
N ALA A 16 2.44 5.54 11.38
CA ALA A 16 3.67 5.50 10.61
C ALA A 16 4.08 4.12 10.17
N LEU A 17 3.48 3.06 10.72
CA LEU A 17 3.65 1.69 10.24
C LEU A 17 2.26 1.13 10.03
N GLY A 18 2.03 0.52 8.87
CA GLY A 18 0.77 -0.14 8.61
C GLY A 18 0.88 -1.64 8.59
N PHE A 19 -0.24 -2.32 8.74
CA PHE A 19 -0.36 -3.75 8.57
C PHE A 19 -0.93 -4.04 7.19
N GLY A 20 -0.18 -4.76 6.38
CA GLY A 20 -0.63 -5.11 5.05
C GLY A 20 -1.49 -6.36 5.07
N THR A 21 -2.39 -6.48 4.10
CA THR A 21 -3.32 -7.60 4.06
C THR A 21 -3.35 -8.29 2.70
N TYR A 22 -2.37 -8.05 1.84
CA TYR A 22 -2.29 -8.83 0.62
C TYR A 22 -2.24 -10.32 0.98
N LYS A 23 -3.02 -11.14 0.28
CA LYS A 23 -3.13 -12.56 0.55
C LYS A 23 -2.75 -13.34 -0.69
N PRO A 24 -1.72 -14.15 -0.67
CA PRO A 24 -1.48 -15.01 -1.83
C PRO A 24 -2.69 -15.87 -2.15
N LYS A 25 -2.88 -16.14 -3.44
CA LYS A 25 -4.10 -16.84 -3.89
C LYS A 25 -4.31 -18.17 -3.16
N GLU A 26 -3.24 -18.93 -2.93
CA GLU A 26 -3.38 -20.27 -2.36
C GLU A 26 -3.77 -20.26 -0.88
N VAL A 27 -3.60 -19.15 -0.20
CA VAL A 27 -3.84 -19.10 1.25
C VAL A 27 -5.34 -19.01 1.49
N PRO A 28 -5.90 -19.81 2.38
CA PRO A 28 -7.33 -19.69 2.66
C PRO A 28 -7.68 -18.33 3.22
N LYS A 29 -8.82 -17.78 2.79
CA LYS A 29 -9.25 -16.48 3.23
CA LYS A 29 -9.17 -16.45 3.23
C LYS A 29 -9.40 -16.39 4.74
N SER A 30 -9.81 -17.49 5.39
CA SER A 30 -9.99 -17.39 6.83
C SER A 30 -8.70 -17.01 7.53
N LYS A 31 -7.56 -17.35 6.94
CA LYS A 31 -6.28 -16.99 7.53
C LYS A 31 -6.05 -15.49 7.54
N SER A 32 -6.65 -14.76 6.60
CA SER A 32 -6.58 -13.30 6.63
C SER A 32 -7.40 -12.74 7.77
N LEU A 33 -8.54 -13.35 8.08
CA LEU A 33 -9.34 -12.94 9.22
C LEU A 33 -8.52 -13.12 10.50
N GLU A 34 -7.93 -14.31 10.66
CA GLU A 34 -7.11 -14.60 11.82
C GLU A 34 -5.97 -13.57 11.94
N ALA A 35 -5.25 -13.34 10.84
CA ALA A 35 -4.08 -12.47 10.89
C ALA A 35 -4.45 -11.05 11.26
N ALA A 36 -5.59 -10.56 10.77
CA ALA A 36 -6.02 -9.22 11.13
C ALA A 36 -6.40 -9.14 12.61
N CYS A 37 -7.07 -10.16 13.17
CA CYS A 37 -7.34 -10.13 14.60
C CYS A 37 -6.03 -10.10 15.38
N LEU A 38 -5.07 -10.93 14.99
CA LEU A 38 -3.81 -10.96 15.68
CA LEU A 38 -3.77 -10.98 15.64
C LEU A 38 -3.09 -9.62 15.58
N ALA A 39 -3.08 -9.02 14.40
CA ALA A 39 -2.41 -7.72 14.27
C ALA A 39 -3.01 -6.67 15.18
N LEU A 40 -4.35 -6.65 15.30
CA LEU A 40 -5.00 -5.72 16.20
C LEU A 40 -4.57 -6.01 17.62
N ASP A 41 -4.50 -7.29 18.00
CA ASP A 41 -4.08 -7.61 19.35
C ASP A 41 -2.64 -7.20 19.63
N VAL A 42 -1.74 -7.39 18.65
CA VAL A 42 -0.33 -7.03 18.79
C VAL A 42 -0.18 -5.52 18.94
N GLY A 43 -1.06 -4.75 18.32
CA GLY A 43 -1.07 -3.31 18.48
C GLY A 43 -1.11 -2.50 17.20
N TYR A 44 -1.25 -3.13 16.05
CA TYR A 44 -1.41 -2.37 14.82
C TYR A 44 -2.74 -1.62 14.83
N ARG A 45 -2.72 -0.39 14.33
CA ARG A 45 -3.94 0.40 14.20
C ARG A 45 -4.21 0.85 12.79
N HIS A 46 -3.21 0.85 11.94
CA HIS A 46 -3.34 1.17 10.51
C HIS A 46 -3.39 -0.15 9.77
N VAL A 47 -4.53 -0.44 9.16
CA VAL A 47 -4.74 -1.66 8.40
C VAL A 47 -5.02 -1.28 6.96
N ASP A 48 -4.20 -1.80 6.06
CA ASP A 48 -4.29 -1.49 4.64
C ASP A 48 -4.84 -2.70 3.90
N THR A 49 -5.92 -2.51 3.16
CA THR A 49 -6.48 -3.58 2.35
C THR A 49 -6.90 -3.02 0.99
N ALA A 50 -7.57 -3.85 0.19
CA ALA A 50 -7.94 -3.45 -1.15
C ALA A 50 -9.08 -4.33 -1.61
N TYR A 51 -10.00 -3.76 -2.41
CA TYR A 51 -11.04 -4.59 -3.01
C TYR A 51 -10.43 -5.79 -3.75
N ALA A 52 -9.38 -5.54 -4.54
CA ALA A 52 -8.84 -6.59 -5.38
C ALA A 52 -8.14 -7.69 -4.59
N TYR A 53 -7.83 -7.51 -3.31
CA TYR A 53 -7.24 -8.60 -2.55
CA TYR A 53 -7.27 -8.59 -2.53
C TYR A 53 -8.30 -9.65 -2.22
N GLN A 54 -9.59 -9.30 -2.33
CA GLN A 54 -10.72 -10.21 -2.10
C GLN A 54 -10.79 -10.72 -0.67
N VAL A 55 -10.36 -9.90 0.29
CA VAL A 55 -10.46 -10.25 1.69
C VAL A 55 -11.09 -9.14 2.52
N GLU A 56 -11.74 -8.17 1.88
CA GLU A 56 -12.39 -7.12 2.66
C GLU A 56 -13.38 -7.69 3.68
N GLU A 57 -14.13 -8.73 3.30
CA GLU A 57 -15.09 -9.27 4.26
C GLU A 57 -14.40 -9.79 5.52
N GLU A 58 -13.26 -10.46 5.34
CA GLU A 58 -12.49 -10.99 6.46
C GLU A 58 -11.93 -9.88 7.31
N ILE A 59 -11.34 -8.85 6.67
CA ILE A 59 -10.79 -7.74 7.44
C ILE A 59 -11.89 -7.06 8.22
N GLY A 60 -13.05 -6.87 7.59
CA GLY A 60 -14.16 -6.25 8.28
C GLY A 60 -14.63 -7.06 9.47
N GLN A 61 -14.70 -8.38 9.32
CA GLN A 61 -15.11 -9.22 10.43
CA GLN A 61 -15.10 -9.26 10.41
C GLN A 61 -14.11 -9.17 11.56
N ALA A 62 -12.82 -9.14 11.25
CA ALA A 62 -11.81 -9.00 12.29
C ALA A 62 -12.03 -7.71 13.06
N ILE A 63 -12.21 -6.60 12.35
CA ILE A 63 -12.36 -5.31 13.00
C ILE A 63 -13.60 -5.33 13.88
N GLN A 64 -14.72 -5.83 13.35
CA GLN A 64 -15.94 -5.83 14.13
C GLN A 64 -15.79 -6.73 15.35
N SER A 65 -15.08 -7.86 15.22
CA SER A 65 -14.89 -8.74 16.37
CA SER A 65 -14.88 -8.74 16.36
CA SER A 65 -14.86 -8.75 16.36
C SER A 65 -14.07 -8.04 17.44
N ALA A 66 -13.05 -7.28 17.05
CA ALA A 66 -12.23 -6.55 18.02
C ALA A 66 -13.00 -5.42 18.68
N ILE A 67 -13.85 -4.73 17.92
CA ILE A 67 -14.73 -3.70 18.49
C ILE A 67 -15.74 -4.34 19.45
N ALA A 68 -16.37 -5.45 19.05
CA ALA A 68 -17.31 -6.15 19.92
C ALA A 68 -16.64 -6.61 21.19
N ALA A 69 -15.36 -7.00 21.14
CA ALA A 69 -14.61 -7.42 22.30
C ALA A 69 -14.17 -6.26 23.19
N GLY A 70 -14.27 -5.02 22.70
CA GLY A 70 -13.87 -3.85 23.46
C GLY A 70 -12.40 -3.57 23.44
N VAL A 71 -11.63 -4.21 22.56
CA VAL A 71 -10.19 -4.03 22.54
CA VAL A 71 -10.19 -4.01 22.57
C VAL A 71 -9.79 -2.75 21.80
N VAL A 72 -10.62 -2.30 20.86
CA VAL A 72 -10.40 -1.06 20.13
C VAL A 72 -11.76 -0.46 19.88
N LYS A 73 -11.77 0.85 19.63
CA LYS A 73 -12.90 1.55 19.07
C LYS A 73 -12.58 1.94 17.64
N ARG A 74 -13.63 2.14 16.83
CA ARG A 74 -13.44 2.52 15.44
C ARG A 74 -12.52 3.73 15.29
N GLU A 75 -12.68 4.73 16.16
CA GLU A 75 -11.90 5.95 16.05
C GLU A 75 -10.42 5.72 16.32
N ASP A 76 -10.05 4.58 16.91
CA ASP A 76 -8.66 4.24 17.14
C ASP A 76 -7.97 3.67 15.91
N LEU A 77 -8.72 3.33 14.86
CA LEU A 77 -8.19 2.61 13.73
C LEU A 77 -8.07 3.54 12.53
N PHE A 78 -7.10 3.24 11.68
CA PHE A 78 -6.91 3.89 10.39
C PHE A 78 -7.05 2.79 9.35
N ILE A 79 -8.16 2.79 8.61
CA ILE A 79 -8.45 1.75 7.64
C ILE A 79 -8.35 2.33 6.24
N THR A 80 -7.54 1.69 5.41
CA THR A 80 -7.42 2.01 4.00
C THR A 80 -7.99 0.91 3.13
N THR A 81 -8.75 1.28 2.10
CA THR A 81 -8.99 0.35 1.01
C THR A 81 -8.81 1.08 -0.32
N LYS A 82 -9.03 0.36 -1.42
CA LYS A 82 -8.60 0.80 -2.73
C LYS A 82 -9.65 0.50 -3.78
N LEU A 83 -9.81 1.47 -4.68
CA LEU A 83 -10.66 1.39 -5.85
C LEU A 83 -9.90 0.64 -6.93
N TRP A 84 -10.51 -0.43 -7.44
CA TRP A 84 -9.84 -1.27 -8.43
C TRP A 84 -10.11 -0.74 -9.85
N CYS A 85 -9.18 -1.09 -10.76
CA CYS A 85 -9.15 -0.67 -12.15
C CYS A 85 -10.49 -0.83 -12.88
N THR A 86 -11.26 -1.88 -12.57
CA THR A 86 -12.51 -2.14 -13.27
C THR A 86 -13.63 -1.22 -12.82
N CYS A 87 -13.36 -0.31 -11.86
CA CYS A 87 -14.36 0.59 -11.28
C CYS A 87 -13.97 2.05 -11.44
N PHE A 88 -13.09 2.36 -12.41
CA PHE A 88 -12.64 3.72 -12.61
C PHE A 88 -13.59 4.58 -13.42
N ARG A 89 -14.55 3.99 -14.14
CA ARG A 89 -15.54 4.80 -14.82
C ARG A 89 -16.21 5.69 -13.78
N PRO A 90 -16.41 6.97 -14.06
CA PRO A 90 -16.88 7.89 -13.00
C PRO A 90 -18.13 7.43 -12.28
N GLU A 91 -19.11 6.89 -13.00
CA GLU A 91 -20.37 6.45 -12.40
CA GLU A 91 -20.34 6.52 -12.31
C GLU A 91 -20.20 5.25 -11.49
N LEU A 92 -19.07 4.56 -11.57
CA LEU A 92 -18.85 3.34 -10.79
C LEU A 92 -18.06 3.59 -9.51
N VAL A 93 -17.48 4.77 -9.33
CA VAL A 93 -16.53 5.00 -8.23
C VAL A 93 -17.23 4.95 -6.88
N LYS A 94 -18.22 5.81 -6.68
CA LYS A 94 -18.91 5.88 -5.40
C LYS A 94 -19.60 4.56 -5.09
N PRO A 95 -20.27 3.90 -6.05
CA PRO A 95 -20.81 2.58 -5.76
C PRO A 95 -19.75 1.55 -5.39
N ALA A 96 -18.55 1.65 -5.96
CA ALA A 96 -17.50 0.71 -5.59
C ALA A 96 -17.05 0.95 -4.16
N LEU A 97 -16.93 2.22 -3.74
CA LEU A 97 -16.62 2.50 -2.35
C LEU A 97 -17.72 1.98 -1.45
N GLU A 98 -18.98 2.24 -1.81
CA GLU A 98 -20.09 1.79 -0.97
C GLU A 98 -20.10 0.27 -0.83
N LYS A 99 -19.74 -0.44 -1.89
CA LYS A 99 -19.63 -1.91 -1.78
C LYS A 99 -18.49 -2.32 -0.86
N SER A 100 -17.34 -1.68 -0.99
CA SER A 100 -16.24 -1.95 -0.07
C SER A 100 -16.66 -1.71 1.37
N LEU A 101 -17.38 -0.61 1.64
CA LEU A 101 -17.82 -0.30 2.99
C LEU A 101 -18.77 -1.36 3.50
N LYS A 102 -19.66 -1.84 2.65
CA LYS A 102 -20.56 -2.91 3.05
C LYS A 102 -19.77 -4.17 3.40
N LYS A 103 -18.83 -4.55 2.54
CA LYS A 103 -18.02 -5.73 2.82
C LYS A 103 -17.22 -5.59 4.10
N LEU A 104 -16.67 -4.40 4.34
CA LEU A 104 -15.89 -4.11 5.52
C LEU A 104 -16.74 -3.91 6.76
N GLN A 105 -18.07 -3.82 6.63
CA GLN A 105 -18.97 -3.50 7.73
C GLN A 105 -18.57 -2.18 8.40
N LEU A 106 -18.23 -1.17 7.59
CA LEU A 106 -17.87 0.13 8.08
C LEU A 106 -18.77 1.21 7.49
N ASP A 107 -18.90 2.33 8.18
CA ASP A 107 -19.61 3.48 7.62
C ASP A 107 -18.69 4.43 6.86
N TYR A 108 -17.39 4.40 7.14
CA TYR A 108 -16.41 5.22 6.44
C TYR A 108 -15.06 4.51 6.50
N VAL A 109 -14.20 4.81 5.54
CA VAL A 109 -12.78 4.44 5.63
C VAL A 109 -11.95 5.70 5.87
N ASP A 110 -10.78 5.50 6.49
CA ASP A 110 -9.87 6.64 6.69
C ASP A 110 -9.20 7.06 5.40
N LEU A 111 -8.97 6.13 4.49
CA LEU A 111 -8.23 6.42 3.26
C LEU A 111 -8.77 5.53 2.16
N TYR A 112 -9.02 6.13 1.00
CA TYR A 112 -9.48 5.42 -0.18
C TYR A 112 -8.62 5.90 -1.33
N ILE A 113 -7.99 4.96 -2.03
CA ILE A 113 -7.01 5.30 -3.05
C ILE A 113 -7.26 4.56 -4.35
N MET A 114 -6.97 5.22 -5.47
CA MET A 114 -6.95 4.52 -6.75
C MET A 114 -5.82 3.49 -6.74
N HIS A 115 -6.12 2.24 -7.08
CA HIS A 115 -5.09 1.19 -6.97
C HIS A 115 -3.99 1.34 -8.01
N TYR A 116 -4.33 1.88 -9.18
CA TYR A 116 -3.42 2.11 -10.29
C TYR A 116 -3.95 3.31 -11.07
N PRO A 117 -3.20 3.83 -12.04
CA PRO A 117 -3.73 4.89 -12.92
C PRO A 117 -4.41 4.37 -14.18
N VAL A 118 -4.48 3.05 -14.36
CA VAL A 118 -4.94 2.42 -15.59
C VAL A 118 -6.31 1.78 -15.34
N PRO A 119 -7.32 2.12 -16.13
CA PRO A 119 -8.63 1.47 -16.03
C PRO A 119 -8.70 0.22 -16.88
N MET A 120 -9.47 -0.75 -16.41
CA MET A 120 -9.79 -1.96 -17.15
C MET A 120 -11.30 -2.09 -17.34
N LYS A 121 -11.71 -2.95 -18.27
CA LYS A 121 -13.11 -3.15 -18.58
C LYS A 121 -13.92 -3.40 -17.34
N SER A 122 -15.02 -2.68 -17.20
CA SER A 122 -15.88 -2.87 -16.03
C SER A 122 -16.57 -4.22 -16.08
N GLY A 123 -16.86 -4.75 -14.91
CA GLY A 123 -17.49 -6.04 -14.80
C GLY A 123 -16.99 -6.78 -13.57
N ASP A 124 -17.53 -7.99 -13.40
CA ASP A 124 -17.27 -8.74 -12.18
C ASP A 124 -15.85 -9.29 -12.12
N ASN A 125 -15.27 -9.62 -13.26
CA ASN A 125 -13.93 -10.17 -13.30
C ASN A 125 -12.95 -9.05 -13.02
N ASP A 126 -12.11 -9.23 -11.99
CA ASP A 126 -11.09 -8.23 -11.66
C ASP A 126 -9.99 -8.16 -12.68
N PHE A 127 -9.79 -9.23 -13.46
CA PHE A 127 -8.72 -9.32 -14.45
C PHE A 127 -9.33 -9.74 -15.78
N PRO A 128 -10.14 -8.88 -16.38
CA PRO A 128 -10.76 -9.22 -17.66
C PRO A 128 -9.71 -9.37 -18.73
N VAL A 129 -9.84 -10.44 -19.53
CA VAL A 129 -8.88 -10.75 -20.56
C VAL A 129 -9.57 -11.23 -21.82
N ASN A 130 -8.86 -11.10 -22.96
CA ASN A 130 -9.29 -11.70 -24.21
C ASN A 130 -8.85 -13.16 -24.27
N GLU A 131 -9.15 -13.83 -25.39
CA GLU A 131 -8.85 -15.25 -25.51
C GLU A 131 -7.36 -15.53 -25.48
N GLN A 132 -6.53 -14.55 -25.79
CA GLN A 132 -5.08 -14.70 -25.73
C GLN A 132 -4.51 -14.34 -24.37
N GLY A 133 -5.34 -13.91 -23.43
CA GLY A 133 -4.87 -13.53 -22.12
C GLY A 133 -4.45 -12.08 -21.96
N LYS A 134 -4.60 -11.28 -22.99
CA LYS A 134 -4.31 -9.86 -22.91
C LYS A 134 -5.42 -9.11 -22.18
N SER A 135 -5.08 -8.08 -21.43
CA SER A 135 -6.08 -7.41 -20.62
C SER A 135 -7.06 -6.61 -21.46
N LEU A 136 -8.32 -6.64 -21.07
CA LEU A 136 -9.35 -5.80 -21.69
C LEU A 136 -9.32 -4.45 -20.97
N LEU A 137 -8.89 -3.42 -21.69
CA LEU A 137 -8.58 -2.11 -21.13
C LEU A 137 -9.67 -1.12 -21.42
N ASP A 138 -9.63 0.04 -20.76
CA ASP A 138 -10.63 1.09 -20.93
C ASP A 138 -9.89 2.40 -21.20
N THR A 139 -10.62 3.50 -21.39
N THR A 139 -10.70 3.34 -21.63
CA THR A 139 -10.04 4.77 -21.86
CA THR A 139 -10.36 4.72 -21.87
C THR A 139 -10.18 5.96 -20.90
C THR A 139 -11.18 5.49 -20.84
N VAL A 140 -10.60 5.70 -19.68
CA VAL A 140 -11.06 6.67 -18.69
C VAL A 140 -9.89 7.49 -18.21
N ASP A 141 -10.02 8.81 -18.23
CA ASP A 141 -8.99 9.69 -17.66
C ASP A 141 -9.01 9.57 -16.16
N PHE A 142 -7.86 9.26 -15.55
CA PHE A 142 -7.85 9.17 -14.10
C PHE A 142 -8.21 10.49 -13.42
N CYS A 143 -8.08 11.63 -14.10
CA CYS A 143 -8.54 12.88 -13.51
C CYS A 143 -10.05 12.89 -13.35
N ASP A 144 -10.77 12.25 -14.27
CA ASP A 144 -12.23 12.13 -14.12
C ASP A 144 -12.58 11.19 -12.97
N THR A 145 -11.86 10.08 -12.85
CA THR A 145 -12.04 9.20 -11.70
C THR A 145 -11.80 9.98 -10.40
N TRP A 146 -10.76 10.80 -10.39
CA TRP A 146 -10.36 11.54 -9.20
C TRP A 146 -11.48 12.44 -8.70
N GLU A 147 -12.16 13.12 -9.61
CA GLU A 147 -13.28 13.97 -9.22
C GLU A 147 -14.34 13.21 -8.42
N ARG A 148 -14.56 11.93 -8.74
CA ARG A 148 -15.53 11.14 -7.98
C ARG A 148 -14.99 10.69 -6.63
N LEU A 149 -13.69 10.47 -6.50
CA LEU A 149 -13.14 10.25 -5.17
CA LEU A 149 -13.14 10.26 -5.17
C LEU A 149 -13.33 11.50 -4.30
N GLU A 150 -13.16 12.69 -4.89
CA GLU A 150 -13.41 13.92 -4.16
C GLU A 150 -14.85 13.97 -3.67
N GLU A 151 -15.80 13.56 -4.51
CA GLU A 151 -17.21 13.51 -4.13
C GLU A 151 -17.42 12.55 -2.96
N CYS A 152 -16.71 11.43 -2.96
CA CYS A 152 -16.82 10.47 -1.86
C CYS A 152 -16.36 11.09 -0.55
N LYS A 153 -15.28 11.88 -0.60
CA LYS A 153 -14.82 12.58 0.59
C LYS A 153 -15.86 13.60 1.06
N ASP A 154 -16.44 14.35 0.12
CA ASP A 154 -17.46 15.32 0.50
C ASP A 154 -18.71 14.64 1.05
N ALA A 155 -19.00 13.41 0.63
CA ALA A 155 -20.12 12.64 1.15
C ALA A 155 -19.86 12.02 2.51
N GLY A 156 -18.65 12.15 3.04
CA GLY A 156 -18.31 11.60 4.33
C GLY A 156 -18.04 10.12 4.36
N LEU A 157 -17.89 9.50 3.19
CA LEU A 157 -17.64 8.07 3.13
C LEU A 157 -16.17 7.73 3.35
N VAL A 158 -15.30 8.73 3.22
CA VAL A 158 -13.86 8.55 3.34
C VAL A 158 -13.28 9.85 3.88
N LYS A 159 -12.33 9.73 4.80
CA LYS A 159 -11.71 10.93 5.38
C LYS A 159 -10.65 11.53 4.47
N SER A 160 -9.80 10.70 3.86
CA SER A 160 -8.71 11.16 3.02
C SER A 160 -8.65 10.33 1.75
N ILE A 161 -8.21 10.96 0.64
CA ILE A 161 -8.13 10.26 -0.64
C ILE A 161 -6.72 10.37 -1.18
N GLY A 162 -6.32 9.36 -1.95
CA GLY A 162 -4.98 9.29 -2.51
C GLY A 162 -4.92 8.32 -3.67
N VAL A 163 -3.68 7.98 -4.04
CA VAL A 163 -3.44 7.15 -5.21
C VAL A 163 -2.40 6.09 -4.88
N SER A 164 -2.25 5.13 -5.79
CA SER A 164 -1.26 4.08 -5.71
C SER A 164 -0.69 3.83 -7.10
N ASN A 165 0.63 3.64 -7.17
CA ASN A 165 1.29 3.26 -8.42
C ASN A 165 1.19 4.34 -9.48
N PHE A 166 1.15 5.61 -9.06
CA PHE A 166 1.26 6.72 -10.01
C PHE A 166 2.70 7.16 -10.17
N ASN A 167 3.05 7.59 -11.36
CA ASN A 167 4.36 8.18 -11.60
C ASN A 167 4.29 9.70 -11.50
N HIS A 168 5.45 10.34 -11.62
CA HIS A 168 5.56 11.79 -11.48
C HIS A 168 4.61 12.54 -12.42
N ARG A 169 4.62 12.18 -13.71
CA ARG A 169 3.77 12.83 -14.69
C ARG A 169 2.30 12.73 -14.29
N GLN A 170 1.91 11.57 -13.79
CA GLN A 170 0.51 11.32 -13.45
C GLN A 170 0.10 12.11 -12.21
N LEU A 171 0.97 12.16 -11.19
CA LEU A 171 0.70 13.02 -10.04
C LEU A 171 0.57 14.47 -10.46
N GLU A 172 1.45 14.92 -11.36
CA GLU A 172 1.35 16.29 -11.85
C GLU A 172 0.02 16.52 -12.56
N ARG A 173 -0.46 15.55 -13.33
CA ARG A 173 -1.77 15.71 -13.95
C ARG A 173 -2.86 15.96 -12.92
N ILE A 174 -2.90 15.18 -11.84
CA ILE A 174 -3.91 15.46 -10.82
C ILE A 174 -3.69 16.84 -10.19
N LEU A 175 -2.46 17.14 -9.78
CA LEU A 175 -2.22 18.38 -9.07
C LEU A 175 -2.51 19.60 -9.92
N ASN A 176 -2.37 19.48 -11.23
CA ASN A 176 -2.55 20.57 -12.16
C ASN A 176 -3.91 20.55 -12.83
N LYS A 177 -4.79 19.65 -12.45
CA LYS A 177 -6.04 19.56 -13.19
C LYS A 177 -6.92 20.77 -12.89
N PRO A 178 -7.64 21.27 -13.89
CA PRO A 178 -8.60 22.35 -13.64
C PRO A 178 -9.66 21.87 -12.67
N GLY A 179 -9.98 22.72 -11.71
CA GLY A 179 -11.03 22.42 -10.77
C GLY A 179 -10.71 21.36 -9.73
N LEU A 180 -9.43 21.15 -9.42
CA LEU A 180 -9.02 20.26 -8.34
C LEU A 180 -9.64 20.72 -7.03
N ASN A 181 -10.24 19.79 -6.29
CA ASN A 181 -10.77 20.08 -4.96
C ASN A 181 -9.83 19.63 -3.85
N TYR A 182 -9.27 18.42 -3.95
CA TYR A 182 -8.42 17.86 -2.92
C TYR A 182 -7.22 17.21 -3.56
N LYS A 183 -6.03 17.55 -3.08
CA LYS A 183 -4.83 16.88 -3.52
C LYS A 183 -4.83 15.43 -2.99
N PRO A 184 -4.20 14.50 -3.69
CA PRO A 184 -3.94 13.20 -3.07
C PRO A 184 -3.09 13.37 -1.81
N VAL A 185 -3.38 12.56 -0.78
CA VAL A 185 -2.58 12.62 0.44
C VAL A 185 -1.40 11.67 0.37
N CYS A 186 -1.43 10.69 -0.52
CA CYS A 186 -0.39 9.67 -0.57
C CYS A 186 -0.28 9.14 -1.99
N ASN A 187 0.87 8.49 -2.22
CA ASN A 187 1.11 7.64 -3.37
C ASN A 187 1.70 6.36 -2.82
N GLN A 188 0.92 5.29 -2.84
CA GLN A 188 1.36 3.99 -2.35
C GLN A 188 2.05 3.25 -3.49
N VAL A 189 3.32 2.90 -3.29
CA VAL A 189 4.15 2.31 -4.35
C VAL A 189 5.01 1.21 -3.76
N GLU A 190 5.52 0.35 -4.63
CA GLU A 190 6.55 -0.60 -4.23
C GLU A 190 7.78 0.20 -3.79
N CYS A 191 8.34 -0.11 -2.63
CA CYS A 191 9.53 0.63 -2.20
C CYS A 191 10.28 -0.22 -1.19
N HIS A 192 11.58 -0.33 -1.37
CA HIS A 192 12.44 -1.17 -0.55
C HIS A 192 13.88 -0.79 -0.83
N LEU A 193 14.80 -1.41 -0.10
CA LEU A 193 16.22 -1.11 -0.29
C LEU A 193 16.69 -1.24 -1.73
N TYR A 194 16.11 -2.15 -2.52
CA TYR A 194 16.54 -2.36 -3.90
C TYR A 194 15.81 -1.48 -4.91
N LEU A 195 14.79 -0.73 -4.47
CA LEU A 195 13.97 0.17 -5.29
C LEU A 195 13.58 1.31 -4.34
N ASN A 196 14.55 2.18 -4.03
CA ASN A 196 14.38 3.08 -2.90
C ASN A 196 13.53 4.30 -3.23
N GLN A 197 13.20 4.51 -4.50
CA GLN A 197 12.25 5.55 -4.91
C GLN A 197 12.74 6.95 -4.60
N ARG A 198 14.04 7.18 -4.52
CA ARG A 198 14.53 8.52 -4.21
C ARG A 198 13.87 9.62 -5.02
N LYS A 199 13.84 9.49 -6.34
CA LYS A 199 13.33 10.57 -7.17
C LYS A 199 11.84 10.83 -6.90
N LEU A 200 11.03 9.77 -6.87
CA LEU A 200 9.61 9.96 -6.62
C LEU A 200 9.35 10.45 -5.21
N LEU A 201 10.14 9.96 -4.24
CA LEU A 201 10.06 10.43 -2.87
C LEU A 201 10.29 11.92 -2.79
N ASP A 202 11.37 12.40 -3.41
CA ASP A 202 11.70 13.81 -3.31
C ASP A 202 10.61 14.67 -3.95
N TYR A 203 10.04 14.20 -5.05
CA TYR A 203 8.92 14.91 -5.66
C TYR A 203 7.74 14.95 -4.70
N CYS A 204 7.37 13.79 -4.17
CA CYS A 204 6.22 13.73 -3.27
C CYS A 204 6.42 14.62 -2.05
N GLU A 205 7.62 14.60 -1.48
CA GLU A 205 7.88 15.47 -0.34
C GLU A 205 7.64 16.92 -0.69
N SER A 206 8.01 17.34 -1.91
CA SER A 206 7.86 18.72 -2.32
C SER A 206 6.42 19.11 -2.47
N LYS A 207 5.52 18.14 -2.66
CA LYS A 207 4.10 18.38 -2.81
C LYS A 207 3.30 17.98 -1.56
N ASP A 208 3.96 17.63 -0.47
CA ASP A 208 3.29 17.17 0.75
C ASP A 208 2.43 15.94 0.50
N ILE A 209 2.93 15.02 -0.32
CA ILE A 209 2.31 13.73 -0.58
C ILE A 209 3.15 12.68 0.12
N VAL A 210 2.52 11.85 0.95
CA VAL A 210 3.25 10.81 1.68
C VAL A 210 3.44 9.59 0.78
N LEU A 211 4.64 9.05 0.74
CA LEU A 211 4.89 7.79 0.07
C LEU A 211 4.60 6.65 1.05
N VAL A 212 3.76 5.71 0.64
CA VAL A 212 3.44 4.54 1.41
C VAL A 212 4.03 3.36 0.65
N ALA A 213 4.74 2.47 1.34
CA ALA A 213 5.49 1.40 0.69
C ALA A 213 4.87 0.02 0.87
N TYR A 214 4.70 -0.70 -0.23
CA TYR A 214 4.43 -2.12 -0.18
C TYR A 214 5.61 -2.89 -0.75
N GLY A 215 5.63 -4.20 -0.52
CA GLY A 215 6.76 -5.03 -0.93
C GLY A 215 8.06 -4.60 -0.30
N ALA A 216 8.01 -4.19 0.96
CA ALA A 216 9.09 -3.49 1.61
C ALA A 216 10.30 -4.36 1.92
N LEU A 217 10.17 -5.68 1.86
CA LEU A 217 11.29 -6.57 2.07
C LEU A 217 11.78 -7.19 0.77
N GLY A 218 11.38 -6.65 -0.37
CA GLY A 218 11.83 -7.18 -1.64
C GLY A 218 11.27 -8.60 -1.91
N THR A 219 11.68 -9.17 -3.01
CA THR A 219 11.21 -10.49 -3.34
C THR A 219 11.95 -11.56 -2.54
N GLN A 220 11.23 -12.63 -2.25
CA GLN A 220 11.75 -13.84 -1.63
C GLN A 220 11.40 -15.06 -2.48
N ARG A 221 11.06 -14.87 -3.75
CA ARG A 221 10.67 -15.99 -4.60
CA ARG A 221 10.66 -16.02 -4.56
C ARG A 221 11.83 -16.96 -4.81
N TYR A 222 11.48 -18.23 -4.98
CA TYR A 222 12.46 -19.30 -5.14
C TYR A 222 13.54 -18.97 -6.16
N LYS A 223 13.14 -18.52 -7.36
CA LYS A 223 14.12 -18.31 -8.42
C LYS A 223 15.20 -17.34 -7.99
N GLU A 224 14.85 -16.37 -7.14
CA GLU A 224 15.81 -15.35 -6.75
C GLU A 224 16.89 -15.96 -5.86
N TRP A 225 16.49 -16.85 -4.94
CA TRP A 225 17.45 -17.49 -4.05
C TRP A 225 18.37 -18.42 -4.82
N VAL A 226 17.85 -19.10 -5.84
CA VAL A 226 18.63 -20.10 -6.56
C VAL A 226 19.69 -19.46 -7.43
N ASP A 227 19.37 -18.34 -8.08
CA ASP A 227 20.33 -17.67 -8.94
C ASP A 227 21.17 -16.73 -8.07
N GLN A 228 22.44 -17.06 -7.90
CA GLN A 228 23.33 -16.22 -7.12
C GLN A 228 23.46 -14.83 -7.72
N ASN A 229 23.25 -14.71 -9.04
CA ASN A 229 23.37 -13.42 -9.69
C ASN A 229 22.22 -12.49 -9.35
N SER A 230 21.08 -13.03 -8.94
CA SER A 230 19.91 -12.24 -8.60
C SER A 230 19.92 -12.04 -7.09
N PRO A 231 20.19 -10.83 -6.61
CA PRO A 231 20.34 -10.64 -5.16
C PRO A 231 18.99 -10.69 -4.46
N VAL A 232 18.99 -11.24 -3.25
CA VAL A 232 17.82 -11.29 -2.41
C VAL A 232 18.03 -10.29 -1.26
N LEU A 233 17.13 -9.32 -1.13
CA LEU A 233 17.29 -8.25 -0.14
C LEU A 233 17.55 -8.81 1.25
N LEU A 234 16.73 -9.77 1.71
CA LEU A 234 16.88 -10.26 3.08
C LEU A 234 18.18 -11.05 3.29
N ASN A 235 18.86 -11.46 2.22
CA ASN A 235 20.13 -12.16 2.26
C ASN A 235 21.30 -11.23 2.01
N ASP A 236 21.09 -9.93 1.89
CA ASP A 236 22.15 -9.04 1.45
C ASP A 236 23.23 -8.92 2.50
N PRO A 237 24.50 -9.09 2.14
CA PRO A 237 25.56 -9.08 3.16
C PRO A 237 25.82 -7.73 3.78
N VAL A 238 25.61 -6.66 3.02
CA VAL A 238 25.74 -5.30 3.57
C VAL A 238 24.63 -5.03 4.55
N LEU A 239 23.40 -5.39 4.18
CA LEU A 239 22.30 -5.30 5.13
C LEU A 239 22.62 -6.11 6.38
N CYS A 240 23.16 -7.31 6.22
CA CYS A 240 23.50 -8.14 7.37
C CYS A 240 24.48 -7.43 8.29
N ASP A 241 25.49 -6.79 7.72
CA ASP A 241 26.46 -6.06 8.52
C ASP A 241 25.80 -4.91 9.29
N VAL A 242 24.92 -4.16 8.64
CA VAL A 242 24.24 -3.07 9.35
C VAL A 242 23.35 -3.64 10.45
N ALA A 243 22.66 -4.74 10.16
CA ALA A 243 21.80 -5.38 11.14
C ALA A 243 22.58 -5.82 12.37
N LYS A 244 23.73 -6.47 12.17
CA LYS A 244 24.54 -6.91 13.30
C LYS A 244 25.05 -5.71 14.10
N LYS A 245 25.48 -4.64 13.41
CA LYS A 245 25.97 -3.45 14.09
C LYS A 245 24.90 -2.85 14.99
N ASN A 246 23.66 -2.83 14.52
CA ASN A 246 22.56 -2.24 15.26
C ASN A 246 21.82 -3.22 16.15
N LYS A 247 22.23 -4.50 16.16
CA LYS A 247 21.59 -5.55 16.98
C LYS A 247 20.09 -5.65 16.68
N ARG A 248 19.74 -5.65 15.39
CA ARG A 248 18.37 -5.85 14.95
C ARG A 248 18.39 -6.77 13.74
N SER A 249 17.24 -7.33 13.38
CA SER A 249 17.20 -8.22 12.23
C SER A 249 17.33 -7.45 10.92
N PRO A 250 17.77 -8.12 9.85
CA PRO A 250 17.76 -7.48 8.54
C PRO A 250 16.41 -6.88 8.17
N ALA A 251 15.31 -7.60 8.42
CA ALA A 251 14.00 -7.07 8.08
C ALA A 251 13.72 -5.77 8.82
N LEU A 252 14.07 -5.71 10.11
CA LEU A 252 13.82 -4.48 10.84
C LEU A 252 14.66 -3.32 10.31
N ILE A 253 15.91 -3.57 9.92
CA ILE A 253 16.71 -2.53 9.31
C ILE A 253 16.02 -2.02 8.04
N ALA A 254 15.55 -2.95 7.22
CA ALA A 254 14.91 -2.60 5.96
C ALA A 254 13.68 -1.74 6.16
N LEU A 255 12.89 -2.03 7.19
CA LEU A 255 11.72 -1.22 7.51
C LEU A 255 12.11 0.13 8.10
N ARG A 256 13.11 0.14 8.99
CA ARG A 256 13.53 1.40 9.60
C ARG A 256 14.09 2.37 8.59
N TYR A 257 14.82 1.86 7.60
CA TYR A 257 15.35 2.68 6.53
C TYR A 257 14.24 3.51 5.88
N LEU A 258 13.11 2.86 5.59
CA LEU A 258 11.96 3.55 4.99
C LEU A 258 11.37 4.57 5.95
N ILE A 259 11.17 4.19 7.20
CA ILE A 259 10.61 5.12 8.19
C ILE A 259 11.43 6.39 8.31
N GLN A 260 12.76 6.26 8.35
CA GLN A 260 13.60 7.44 8.51
C GLN A 260 13.62 8.35 7.30
N ARG A 261 13.16 7.87 6.16
CA ARG A 261 13.00 8.68 4.98
C ARG A 261 11.60 9.26 4.85
N GLY A 262 10.78 9.09 5.86
CA GLY A 262 9.44 9.63 5.86
C GLY A 262 8.42 8.78 5.15
N ILE A 263 8.77 7.56 4.80
CA ILE A 263 7.90 6.63 4.11
C ILE A 263 7.15 5.82 5.14
N VAL A 264 5.88 5.54 4.86
CA VAL A 264 5.04 4.70 5.70
C VAL A 264 5.05 3.29 5.14
N PRO A 265 5.75 2.34 5.74
CA PRO A 265 5.75 0.99 5.17
C PRO A 265 4.56 0.22 5.64
N LEU A 266 4.16 -0.73 4.82
CA LEU A 266 3.15 -1.72 5.16
C LEU A 266 3.84 -3.03 5.43
N ALA A 267 3.77 -3.48 6.67
CA ALA A 267 4.43 -4.71 7.10
C ALA A 267 3.45 -5.85 6.93
N GLN A 268 3.84 -6.84 6.16
CA GLN A 268 3.01 -7.94 5.69
C GLN A 268 3.50 -9.21 6.39
N SER A 269 2.62 -9.84 7.17
CA SER A 269 2.98 -11.11 7.81
C SER A 269 1.73 -11.76 8.37
N PHE A 270 1.72 -13.10 8.37
CA PHE A 270 0.69 -13.87 9.04
C PHE A 270 1.16 -14.43 10.38
N LYS A 271 2.38 -14.10 10.82
CA LYS A 271 3.01 -14.73 11.99
C LYS A 271 3.14 -13.76 13.15
N GLU A 272 2.61 -14.15 14.32
CA GLU A 272 2.66 -13.27 15.50
C GLU A 272 4.07 -12.76 15.75
N ASN A 273 5.08 -13.63 15.70
CA ASN A 273 6.42 -13.20 16.08
C ASN A 273 6.92 -12.09 15.16
N GLU A 274 6.67 -12.21 13.86
CA GLU A 274 7.06 -11.16 12.92
C GLU A 274 6.24 -9.89 13.12
N MET A 275 4.93 -10.04 13.35
CA MET A 275 4.11 -8.88 13.63
C MET A 275 4.68 -8.09 14.80
N ARG A 276 5.03 -8.81 15.88
CA ARG A 276 5.56 -8.14 17.08
C ARG A 276 6.92 -7.53 16.82
N GLU A 277 7.78 -8.26 16.10
CA GLU A 277 9.11 -7.71 15.77
CA GLU A 277 9.09 -7.68 15.81
C GLU A 277 8.98 -6.43 14.97
N ASN A 278 8.10 -6.43 13.95
CA ASN A 278 8.02 -5.28 13.07
C ASN A 278 7.58 -4.04 13.82
N LEU A 279 6.69 -4.20 14.81
CA LEU A 279 6.25 -3.06 15.59
C LEU A 279 7.37 -2.48 16.45
N GLN A 280 8.47 -3.20 16.63
CA GLN A 280 9.62 -2.68 17.35
C GLN A 280 10.47 -1.75 16.50
N VAL A 281 10.03 -1.42 15.28
CA VAL A 281 10.83 -0.54 14.43
C VAL A 281 10.96 0.85 15.01
N PHE A 282 10.11 1.23 15.95
CA PHE A 282 10.25 2.55 16.56
C PHE A 282 11.18 2.55 17.76
N GLY A 283 11.85 1.43 18.05
CA GLY A 283 12.68 1.31 19.22
C GLY A 283 14.15 1.53 18.99
N PHE A 284 14.57 1.89 17.78
CA PHE A 284 15.97 2.19 17.50
C PHE A 284 16.04 3.18 16.35
N GLN A 285 17.24 3.72 16.14
CA GLN A 285 17.49 4.68 15.09
CA GLN A 285 17.49 4.67 15.07
C GLN A 285 18.74 4.26 14.32
N LEU A 286 18.72 4.46 13.00
CA LEU A 286 19.90 4.24 12.16
C LEU A 286 20.70 5.52 12.04
N SER A 287 22.02 5.40 12.14
CA SER A 287 22.90 6.54 12.05
C SER A 287 23.00 7.09 10.64
N PRO A 288 23.52 8.32 10.49
CA PRO A 288 23.73 8.84 9.13
C PRO A 288 24.60 7.95 8.27
N GLU A 289 25.67 7.37 8.81
CA GLU A 289 26.50 6.49 8.02
C GLU A 289 25.70 5.30 7.55
N ASP A 290 24.93 4.69 8.45
CA ASP A 290 24.20 3.48 8.08
C ASP A 290 23.14 3.80 7.04
N MET A 291 22.47 4.96 7.15
CA MET A 291 21.50 5.34 6.12
C MET A 291 22.17 5.49 4.76
N LYS A 292 23.37 6.09 4.71
CA LYS A 292 24.08 6.22 3.46
CA LYS A 292 24.08 6.23 3.45
C LYS A 292 24.49 4.86 2.90
N THR A 293 24.98 3.96 3.77
CA THR A 293 25.30 2.60 3.34
C THR A 293 24.07 1.95 2.72
N LEU A 294 22.92 2.10 3.36
CA LEU A 294 21.71 1.46 2.87
C LEU A 294 21.22 2.10 1.58
N ASP A 295 21.37 3.41 1.42
CA ASP A 295 21.05 4.06 0.14
C ASP A 295 21.83 3.42 -0.99
N GLY A 296 23.04 2.97 -0.71
CA GLY A 296 23.87 2.35 -1.72
C GLY A 296 23.38 1.00 -2.21
N LEU A 297 22.39 0.39 -1.56
CA LEU A 297 21.86 -0.89 -2.01
C LEU A 297 20.88 -0.74 -3.17
N ASN A 298 20.47 0.48 -3.50
CA ASN A 298 19.46 0.63 -4.54
C ASN A 298 19.94 0.04 -5.86
N LYS A 299 19.06 -0.70 -6.52
CA LYS A 299 19.29 -1.31 -7.83
C LYS A 299 18.21 -0.99 -8.85
N ASN A 300 17.19 -0.25 -8.48
CA ASN A 300 15.99 -0.07 -9.33
C ASN A 300 15.43 -1.40 -9.80
N PHE A 301 15.30 -2.34 -8.87
CA PHE A 301 14.68 -3.62 -9.15
C PHE A 301 13.24 -3.52 -8.71
N ARG A 302 12.35 -3.52 -9.70
CA ARG A 302 10.91 -3.47 -9.51
C ARG A 302 10.37 -4.89 -9.60
N TYR A 303 9.96 -5.45 -8.47
CA TYR A 303 9.49 -6.83 -8.45
C TYR A 303 8.02 -6.97 -8.76
N LEU A 304 7.25 -5.87 -8.73
CA LEU A 304 5.80 -5.91 -8.97
C LEU A 304 5.46 -4.95 -10.09
N PRO A 305 5.80 -5.30 -11.32
CA PRO A 305 5.65 -4.37 -12.44
C PRO A 305 4.26 -4.34 -13.07
N ALA A 306 3.31 -5.10 -12.59
CA ALA A 306 1.94 -5.02 -13.08
C ALA A 306 1.88 -5.17 -14.60
N GLU A 307 2.45 -6.28 -15.09
CA GLU A 307 2.49 -6.51 -16.52
C GLU A 307 1.10 -6.55 -17.16
N PHE A 308 0.07 -6.92 -16.41
CA PHE A 308 -1.29 -6.89 -16.91
C PHE A 308 -1.75 -5.50 -17.35
N LEU A 309 -1.01 -4.44 -17.00
CA LEU A 309 -1.36 -3.08 -17.40
C LEU A 309 -0.50 -2.51 -18.54
N VAL A 310 0.46 -3.29 -19.04
CA VAL A 310 1.51 -2.72 -19.88
C VAL A 310 1.01 -2.21 -21.22
N ASP A 311 -0.12 -2.70 -21.72
CA ASP A 311 -0.57 -2.25 -23.02
C ASP A 311 -1.28 -0.89 -22.98
N HIS A 312 -1.57 -0.37 -21.81
CA HIS A 312 -2.33 0.88 -21.70
C HIS A 312 -1.37 2.06 -21.74
N PRO A 313 -1.81 3.16 -22.37
CA PRO A 313 -0.94 4.34 -22.45
C PRO A 313 -0.53 4.92 -21.10
N GLU A 314 -1.28 4.66 -20.04
CA GLU A 314 -0.95 5.16 -18.72
C GLU A 314 -0.23 4.12 -17.86
N TYR A 315 0.30 3.06 -18.47
CA TYR A 315 1.15 2.16 -17.72
C TYR A 315 2.23 2.97 -16.99
N PRO A 316 2.37 2.83 -15.67
CA PRO A 316 3.15 3.85 -14.94
C PRO A 316 4.64 3.63 -14.87
N PHE A 317 5.16 2.46 -15.25
CA PHE A 317 6.50 2.06 -14.83
C PHE A 317 7.56 2.11 -15.92
N VAL A 318 7.27 2.60 -17.10
CA VAL A 318 8.33 2.74 -18.10
CA VAL A 318 8.33 2.74 -18.10
C VAL A 318 9.11 4.04 -17.89
N GLU A 319 8.44 5.09 -17.47
CA GLU A 319 9.09 6.38 -17.27
C GLU A 319 10.06 6.33 -16.11
N GLU A 320 11.06 7.23 -16.15
CA GLU A 320 12.16 7.23 -15.19
C GLU A 320 11.69 7.35 -13.76
N TYR A 321 10.65 8.15 -13.51
CA TYR A 321 10.00 8.26 -12.22
C TYR A 321 8.59 8.77 -12.43
C1 EDO C . 18.28 9.34 0.80
O1 EDO C . 17.82 8.32 1.67
C2 EDO C . 17.83 9.05 -0.63
O2 EDO C . 16.41 9.12 -0.72
H11 EDO C . 17.88 10.31 1.11
H12 EDO C . 19.37 9.39 0.83
HO1 EDO C . 18.07 8.55 2.58
H21 EDO C . 18.28 9.77 -1.32
H22 EDO C . 18.17 8.06 -0.93
HO2 EDO C . 16.14 9.05 -1.64
C1 EDO D . -0.70 -4.57 -6.19
O1 EDO D . -1.54 -4.87 -5.06
C2 EDO D . 0.25 -3.43 -5.85
O2 EDO D . -0.43 -2.15 -5.85
H11 EDO D . -0.12 -5.46 -6.46
H12 EDO D . -1.31 -4.29 -7.05
HO1 EDO D . -2.12 -5.62 -5.29
H21 EDO D . 0.69 -3.61 -4.86
H22 EDO D . 1.06 -3.40 -6.58
HO2 EDO D . 0.10 -1.51 -5.38
C1 EDO E . 0.50 -4.86 1.68
O1 EDO E . 0.07 -6.20 1.96
C2 EDO E . -0.74 -4.03 1.34
O2 EDO E . -1.93 -4.34 2.07
H11 EDO E . 1.01 -4.45 2.55
H12 EDO E . 1.20 -4.86 0.84
HO1 EDO E . 0.83 -6.79 1.99
H21 EDO E . -0.50 -2.98 1.51
H22 EDO E . -0.95 -4.14 0.28
HO2 EDO E . -2.64 -3.74 1.80
C1 EDO F . -1.70 -10.65 6.71
O1 EDO F . -2.69 -9.63 6.80
C2 EDO F . -0.53 -10.17 5.88
O2 EDO F . 0.15 -9.09 6.54
H11 EDO F . -1.35 -10.92 7.71
H12 EDO F . -2.13 -11.54 6.25
HO1 EDO F . -3.42 -9.94 7.35
H21 EDO F . 0.17 -10.99 5.71
H22 EDO F . -0.89 -9.83 4.90
HO2 EDO F . 0.37 -8.41 5.89
#